data_6LYA
#
_entry.id   6LYA
#
_cell.length_a   105.450
_cell.length_b   105.450
_cell.length_c   71.824
_cell.angle_alpha   90.000
_cell.angle_beta   90.000
_cell.angle_gamma   120.000
#
_symmetry.space_group_name_H-M   'P 64'
#
loop_
_entity.id
_entity.type
_entity.pdbx_description
1 polymer 'Pyrrolysine--tRNA ligase'
2 non-polymer 'PHOSPHOAMINOPHOSPHONIC ACID-ADENYLATE ESTER'
3 non-polymer 'MAGNESIUM ION'
4 non-polymer 1-Methyl-L-tryptophan
5 non-polymer 1,2-ETHANEDIOL
6 water water
#
_entity_poly.entity_id   1
_entity_poly.type   'polypeptide(L)'
_entity_poly.pdbx_seq_one_letter_code
;MHHHHHHASAPALTKSQTDRLEVLLNPKDEISLNSGKPFRELESELLSRRKKDLQQIYAEERENYLGKLEREITRFFVDR
GFLEIKSPILIPLEYIERMGIDNDTELSKQIFRVDKNFCLRPMLAPNLYNYLRKLDRALPDPIKIFEIGPCYRKESDGKE
HLEEFTMLGFQQMGSGCTRENLESIITDFLNHLGIDFKIVGDSCMVYGDTLDVMHGDLELSSAGVGPIPLDREWGIDKPW
IGAGFGLERLLKVKHDFKNIKRAARSESYYNGISTNL
;
_entity_poly.pdbx_strand_id   A
#
# COMPACT_ATOMS: atom_id res chain seq x y z
N PRO A 11 -32.26 27.57 -5.48
CA PRO A 11 -31.92 26.86 -4.25
C PRO A 11 -30.58 26.16 -4.39
N ALA A 12 -29.55 26.70 -3.75
CA ALA A 12 -28.24 26.10 -3.82
C ALA A 12 -28.19 24.87 -2.94
N LEU A 13 -27.25 23.98 -3.26
CA LEU A 13 -27.08 22.77 -2.47
C LEU A 13 -26.42 23.05 -1.13
N THR A 14 -26.87 22.38 -0.08
CA THR A 14 -26.21 22.50 1.21
C THR A 14 -24.87 21.76 1.17
N LYS A 15 -24.01 22.08 2.15
CA LYS A 15 -22.74 21.36 2.24
C LYS A 15 -22.99 19.89 2.52
N SER A 16 -23.99 19.57 3.35
CA SER A 16 -24.31 18.18 3.62
C SER A 16 -24.77 17.46 2.35
N GLN A 17 -25.56 18.13 1.52
CA GLN A 17 -26.01 17.55 0.26
C GLN A 17 -24.84 17.35 -0.68
N THR A 18 -23.93 18.33 -0.76
CA THR A 18 -22.77 18.14 -1.62
C THR A 18 -21.89 17.00 -1.12
N ASP A 19 -21.76 16.85 0.21
CA ASP A 19 -21.00 15.71 0.75
C ASP A 19 -21.62 14.39 0.29
N ARG A 20 -22.94 14.30 0.33
CA ARG A 20 -23.64 13.09 -0.10
C ARG A 20 -23.38 12.81 -1.58
N LEU A 21 -23.46 13.85 -2.43
CA LEU A 21 -23.20 13.64 -3.84
C LEU A 21 -21.74 13.25 -4.09
N GLU A 22 -20.81 13.80 -3.31
CA GLU A 22 -19.40 13.46 -3.50
C GLU A 22 -19.13 12.00 -3.14
N VAL A 23 -19.90 11.41 -2.23
CA VAL A 23 -19.78 9.98 -1.96
C VAL A 23 -20.12 9.17 -3.22
N LEU A 24 -21.12 9.64 -3.98
CA LEU A 24 -21.65 8.94 -5.16
C LEU A 24 -20.90 9.28 -6.44
N LEU A 25 -19.99 10.25 -6.40
CA LEU A 25 -19.33 10.73 -7.60
C LEU A 25 -18.11 9.88 -7.90
N ASN A 26 -17.99 9.42 -9.12
CA ASN A 26 -16.77 8.70 -9.47
C ASN A 26 -15.85 9.61 -10.30
N PRO A 27 -14.54 9.40 -10.26
CA PRO A 27 -13.63 10.42 -10.81
C PRO A 27 -13.87 10.77 -12.27
N LYS A 28 -14.39 9.86 -13.07
CA LYS A 28 -14.60 10.13 -14.50
C LYS A 28 -16.02 10.51 -14.85
N ASP A 29 -16.92 10.61 -13.86
CA ASP A 29 -18.20 11.25 -14.12
C ASP A 29 -17.98 12.66 -14.61
N GLU A 30 -18.73 13.06 -15.63
CA GLU A 30 -18.67 14.43 -16.12
C GLU A 30 -19.92 15.19 -15.70
N ILE A 31 -20.18 15.25 -14.40
CA ILE A 31 -21.34 15.92 -13.83
C ILE A 31 -20.85 17.08 -12.97
N SER A 32 -21.47 18.22 -13.10
CA SER A 32 -21.08 19.33 -12.28
C SER A 32 -22.15 19.54 -11.26
N LEU A 33 -21.72 19.65 -10.03
CA LEU A 33 -22.64 19.88 -8.93
C LEU A 33 -23.38 21.23 -9.00
N ASN A 34 -22.80 22.32 -9.51
CA ASN A 34 -23.48 23.64 -9.47
C ASN A 34 -24.54 23.86 -10.54
N SER A 35 -24.82 22.78 -11.26
CA SER A 35 -25.58 22.87 -12.49
C SER A 35 -26.86 23.63 -12.39
N GLY A 36 -27.38 23.67 -11.17
CA GLY A 36 -28.67 24.26 -10.87
C GLY A 36 -29.76 23.21 -10.74
N LYS A 37 -29.46 21.95 -11.04
CA LYS A 37 -30.45 20.88 -10.88
C LYS A 37 -30.65 20.62 -9.39
N PRO A 38 -31.86 20.26 -8.99
CA PRO A 38 -32.17 19.97 -7.59
C PRO A 38 -31.42 18.75 -7.06
N PHE A 39 -31.08 18.79 -5.78
CA PHE A 39 -30.35 17.70 -5.13
C PHE A 39 -30.96 16.33 -5.44
N ARG A 40 -32.27 16.21 -5.31
CA ARG A 40 -32.92 14.92 -5.46
C ARG A 40 -32.66 14.29 -6.81
N GLU A 41 -32.71 15.14 -7.84
CA GLU A 41 -32.44 14.75 -9.22
C GLU A 41 -30.98 14.37 -9.46
N LEU A 42 -30.05 15.16 -8.94
CA LEU A 42 -28.63 14.83 -9.06
C LEU A 42 -28.33 13.52 -8.32
N GLU A 43 -28.91 13.36 -7.14
CA GLU A 43 -28.71 12.11 -6.39
C GLU A 43 -29.27 10.91 -7.13
N SER A 44 -30.47 11.06 -7.70
CA SER A 44 -31.06 9.93 -8.40
C SER A 44 -30.22 9.53 -9.60
N GLU A 45 -29.64 10.51 -10.30
CA GLU A 45 -28.77 10.22 -11.44
C GLU A 45 -27.54 9.44 -11.01
N LEU A 46 -26.85 9.92 -9.98
CA LEU A 46 -25.63 9.26 -9.53
C LEU A 46 -25.93 7.88 -8.95
N LEU A 47 -27.03 7.74 -8.21
CA LEU A 47 -27.41 6.41 -7.72
C LEU A 47 -27.58 5.43 -8.86
N SER A 48 -28.25 5.85 -9.94
CA SER A 48 -28.46 4.96 -11.07
C SER A 48 -27.11 4.56 -11.68
N ARG A 49 -26.19 5.51 -11.81
CA ARG A 49 -24.91 5.23 -12.41
C ARG A 49 -24.11 4.24 -11.57
N ARG A 50 -24.10 4.43 -10.25
CA ARG A 50 -23.30 3.55 -9.39
C ARG A 50 -23.91 2.16 -9.30
N LYS A 51 -25.23 2.05 -9.30
CA LYS A 51 -25.84 0.73 -9.35
C LYS A 51 -25.45 0.01 -10.64
N LYS A 52 -25.45 0.72 -11.77
CA LYS A 52 -25.02 0.13 -13.03
C LYS A 52 -23.54 -0.28 -12.98
N ASP A 53 -22.69 0.55 -12.36
CA ASP A 53 -21.27 0.17 -12.22
C ASP A 53 -21.14 -1.16 -11.48
N LEU A 54 -21.88 -1.33 -10.39
CA LEU A 54 -21.79 -2.58 -9.62
C LEU A 54 -22.36 -3.75 -10.41
N GLN A 55 -23.46 -3.52 -11.15
CA GLN A 55 -24.02 -4.57 -11.98
C GLN A 55 -23.02 -5.05 -13.03
N GLN A 56 -22.27 -4.13 -13.63
CA GLN A 56 -21.30 -4.51 -14.66
C GLN A 56 -20.16 -5.33 -14.08
N ILE A 57 -19.65 -4.94 -12.90
CA ILE A 57 -18.62 -5.76 -12.25
C ILE A 57 -19.15 -7.15 -11.97
N TYR A 58 -20.37 -7.24 -11.45
CA TYR A 58 -20.93 -8.52 -11.08
C TYR A 58 -21.17 -9.40 -12.31
N ALA A 59 -21.53 -8.78 -13.43
CA ALA A 59 -21.82 -9.55 -14.62
C ALA A 59 -20.55 -10.04 -15.29
N GLU A 60 -19.44 -9.33 -15.15
CA GLU A 60 -18.27 -9.66 -15.93
C GLU A 60 -17.10 -10.14 -15.05
N GLU A 61 -16.27 -9.27 -14.51
CA GLU A 61 -14.99 -9.71 -13.95
C GLU A 61 -15.09 -10.24 -12.50
N ARG A 62 -15.88 -9.58 -11.68
CA ARG A 62 -16.17 -9.98 -10.30
C ARG A 62 -14.95 -9.92 -9.37
N GLU A 63 -13.87 -9.26 -9.76
CA GLU A 63 -12.66 -9.18 -8.94
C GLU A 63 -12.57 -7.87 -8.17
N ASN A 64 -12.14 -7.97 -6.92
CA ASN A 64 -11.87 -6.83 -6.06
C ASN A 64 -10.52 -6.19 -6.42
N TYR A 65 -10.49 -4.86 -6.49
CA TYR A 65 -9.27 -4.15 -6.88
C TYR A 65 -8.08 -4.46 -6.00
N LEU A 66 -8.28 -4.55 -4.69
CA LEU A 66 -7.15 -4.80 -3.79
C LEU A 66 -6.64 -6.23 -3.95
N GLY A 67 -7.56 -7.19 -4.09
CA GLY A 67 -7.12 -8.56 -4.34
C GLY A 67 -6.42 -8.69 -5.67
N LYS A 68 -7.01 -8.10 -6.71
CA LYS A 68 -6.45 -8.21 -8.05
C LYS A 68 -5.08 -7.55 -8.11
N LEU A 69 -4.92 -6.39 -7.47
CA LEU A 69 -3.60 -5.75 -7.47
C LEU A 69 -2.57 -6.62 -6.76
N GLU A 70 -2.93 -7.22 -5.63
CA GLU A 70 -2.02 -8.15 -4.96
C GLU A 70 -1.59 -9.27 -5.91
N ARG A 71 -2.54 -9.84 -6.67
CA ARG A 71 -2.20 -10.95 -7.56
C ARG A 71 -1.28 -10.49 -8.69
N GLU A 72 -1.52 -9.28 -9.23
N GLU A 72 -1.44 -9.23 -9.24
CA GLU A 72 -0.68 -8.72 -10.28
CA GLU A 72 -0.59 -8.67 -10.29
C GLU A 72 0.74 -8.47 -9.79
C GLU A 72 0.82 -8.42 -9.80
N ILE A 73 0.86 -7.87 -8.62
CA ILE A 73 2.18 -7.62 -8.04
C ILE A 73 2.90 -8.92 -7.78
N THR A 74 2.17 -9.93 -7.25
CA THR A 74 2.76 -11.24 -6.97
C THR A 74 3.37 -11.84 -8.23
N ARG A 75 2.63 -11.80 -9.34
CA ARG A 75 3.15 -12.34 -10.59
C ARG A 75 4.41 -11.60 -11.04
N PHE A 76 4.43 -10.27 -10.92
CA PHE A 76 5.59 -9.48 -11.32
C PHE A 76 6.83 -9.90 -10.54
N PHE A 77 6.72 -10.04 -9.22
CA PHE A 77 7.91 -10.34 -8.43
C PHE A 77 8.30 -11.81 -8.54
N VAL A 78 7.33 -12.74 -8.58
CA VAL A 78 7.67 -14.15 -8.78
C VAL A 78 8.41 -14.31 -10.11
N ASP A 79 7.96 -13.62 -11.15
CA ASP A 79 8.58 -13.76 -12.46
C ASP A 79 9.98 -13.17 -12.50
N ARG A 80 10.29 -12.21 -11.63
CA ARG A 80 11.61 -11.60 -11.56
C ARG A 80 12.53 -12.33 -10.57
N GLY A 81 12.12 -13.48 -10.06
CA GLY A 81 12.96 -14.33 -9.23
C GLY A 81 12.85 -14.13 -7.73
N PHE A 82 11.80 -13.46 -7.24
CA PHE A 82 11.62 -13.26 -5.81
C PHE A 82 10.67 -14.32 -5.24
N LEU A 83 11.03 -14.86 -4.08
CA LEU A 83 10.24 -15.88 -3.40
C LEU A 83 9.09 -15.21 -2.64
N GLU A 84 7.86 -15.74 -2.81
CA GLU A 84 6.66 -15.20 -2.15
C GLU A 84 6.61 -15.66 -0.68
N ILE A 85 6.58 -14.70 0.25
CA ILE A 85 6.49 -14.96 1.70
C ILE A 85 5.09 -14.64 2.20
N LYS A 86 4.58 -15.46 3.13
CA LYS A 86 3.39 -15.11 3.91
C LYS A 86 3.73 -15.32 5.39
N SER A 87 3.93 -14.22 6.10
CA SER A 87 4.42 -14.30 7.48
C SER A 87 3.38 -13.73 8.42
N PRO A 88 3.56 -13.88 9.73
CA PRO A 88 2.52 -13.44 10.67
C PRO A 88 2.23 -11.94 10.60
N ILE A 89 0.95 -11.61 10.77
CA ILE A 89 0.48 -10.23 10.90
C ILE A 89 0.52 -9.79 12.36
N LEU A 90 0.15 -10.71 13.24
CA LEU A 90 0.29 -10.54 14.69
C LEU A 90 1.70 -10.99 15.09
N ILE A 91 2.53 -10.03 15.50
CA ILE A 91 3.96 -10.25 15.69
C ILE A 91 4.34 -9.90 17.13
N PRO A 92 5.48 -10.43 17.60
CA PRO A 92 5.97 -10.06 18.93
C PRO A 92 6.25 -8.58 19.04
N LEU A 93 5.86 -8.00 20.18
CA LEU A 93 6.09 -6.59 20.37
C LEU A 93 7.59 -6.27 20.40
N GLU A 94 8.41 -7.23 20.84
CA GLU A 94 9.85 -7.00 20.88
C GLU A 94 10.45 -6.72 19.51
N TYR A 95 9.77 -7.14 18.43
CA TYR A 95 10.28 -6.81 17.10
C TYR A 95 10.30 -5.31 16.84
N ILE A 96 9.38 -4.57 17.45
CA ILE A 96 9.32 -3.12 17.24
C ILE A 96 10.56 -2.45 17.84
N GLU A 97 10.86 -2.74 19.10
CA GLU A 97 12.06 -2.18 19.72
C GLU A 97 13.32 -2.63 18.98
N ARG A 98 13.34 -3.89 18.53
CA ARG A 98 14.52 -4.39 17.84
C ARG A 98 14.71 -3.73 16.48
N MET A 99 13.67 -3.09 15.95
CA MET A 99 13.78 -2.28 14.74
C MET A 99 14.33 -0.88 15.02
N GLY A 100 14.70 -0.61 16.26
CA GLY A 100 15.14 0.72 16.64
C GLY A 100 14.03 1.72 16.85
N ILE A 101 12.81 1.25 17.12
CA ILE A 101 11.65 2.12 17.26
C ILE A 101 11.39 2.32 18.74
N ASP A 102 11.69 3.52 19.23
CA ASP A 102 11.55 3.91 20.62
C ASP A 102 10.78 5.22 20.68
N ASN A 103 10.61 5.77 21.88
CA ASN A 103 10.15 7.15 21.97
C ASN A 103 11.16 8.06 21.28
N ASP A 104 10.65 9.17 20.73
CA ASP A 104 11.38 10.10 19.86
C ASP A 104 11.28 9.64 18.42
N THR A 105 10.60 8.54 18.14
CA THR A 105 10.23 8.16 16.78
C THR A 105 8.70 8.24 16.66
N GLU A 106 8.24 8.64 15.48
CA GLU A 106 6.79 8.75 15.28
C GLU A 106 6.13 7.39 15.44
N LEU A 107 6.70 6.37 14.79
CA LEU A 107 6.06 5.05 14.72
C LEU A 107 5.79 4.48 16.11
N SER A 108 6.60 4.86 17.09
CA SER A 108 6.44 4.34 18.44
C SER A 108 5.01 4.52 18.96
N LYS A 109 4.40 5.66 18.66
CA LYS A 109 3.07 5.99 19.16
C LYS A 109 1.95 5.46 18.27
N GLN A 110 2.27 4.78 17.18
CA GLN A 110 1.28 4.38 16.20
C GLN A 110 0.94 2.90 16.26
N ILE A 111 1.43 2.17 17.26
CA ILE A 111 1.36 0.71 17.29
C ILE A 111 0.02 0.28 17.89
N PHE A 112 -0.67 -0.64 17.21
CA PHE A 112 -1.81 -1.34 17.80
C PHE A 112 -1.30 -2.51 18.62
N ARG A 113 -1.34 -2.39 19.94
CA ARG A 113 -0.91 -3.48 20.80
C ARG A 113 -2.04 -4.49 21.00
N VAL A 114 -1.67 -5.76 21.14
CA VAL A 114 -2.59 -6.85 21.38
C VAL A 114 -2.06 -7.67 22.56
N ASP A 115 -2.87 -7.83 23.59
CA ASP A 115 -2.44 -8.56 24.79
C ASP A 115 -1.25 -7.84 25.45
N LYS A 116 -0.33 -8.60 26.04
CA LYS A 116 0.81 -8.00 26.70
C LYS A 116 2.07 -8.00 25.83
N ASN A 117 2.20 -8.98 24.94
CA ASN A 117 3.46 -9.23 24.25
C ASN A 117 3.36 -9.16 22.73
N PHE A 118 2.22 -8.80 22.16
CA PHE A 118 2.05 -8.83 20.71
C PHE A 118 1.52 -7.49 20.21
N CYS A 119 1.65 -7.30 18.89
CA CYS A 119 1.08 -6.13 18.24
C CYS A 119 0.70 -6.53 16.81
N LEU A 120 -0.14 -5.71 16.18
CA LEU A 120 -0.33 -5.81 14.74
C LEU A 120 0.85 -5.16 14.04
N ARG A 121 1.44 -5.84 13.07
CA ARG A 121 2.66 -5.33 12.49
C ARG A 121 2.38 -4.00 11.79
N PRO A 122 3.21 -2.97 12.01
CA PRO A 122 3.09 -1.72 11.28
C PRO A 122 3.91 -1.68 10.00
N MET A 123 4.72 -2.70 9.84
CA MET A 123 5.67 -2.81 8.77
C MET A 123 6.06 -4.26 8.49
N LEU A 124 6.71 -4.50 7.37
CA LEU A 124 7.15 -5.85 7.02
C LEU A 124 8.61 -6.14 7.33
N ALA A 125 9.41 -5.13 7.65
CA ALA A 125 10.85 -5.32 7.77
C ALA A 125 11.30 -6.40 8.76
N PRO A 126 10.75 -6.52 9.97
CA PRO A 126 11.24 -7.56 10.89
C PRO A 126 11.13 -8.96 10.33
N ASN A 127 9.97 -9.32 9.79
CA ASN A 127 9.76 -10.65 9.25
C ASN A 127 10.64 -10.90 8.02
N LEU A 128 10.83 -9.87 7.18
CA LEU A 128 11.69 -10.06 6.00
C LEU A 128 13.15 -10.25 6.43
N TYR A 129 13.61 -9.49 7.43
CA TYR A 129 14.95 -9.73 7.99
C TYR A 129 15.10 -11.17 8.48
N ASN A 130 14.13 -11.66 9.25
CA ASN A 130 14.21 -13.02 9.76
C ASN A 130 14.25 -14.04 8.63
N TYR A 131 13.43 -13.84 7.58
CA TYR A 131 13.48 -14.76 6.45
C TYR A 131 14.82 -14.68 5.71
N LEU A 132 15.37 -13.48 5.51
CA LEU A 132 16.67 -13.41 4.86
C LEU A 132 17.72 -14.18 5.64
N ARG A 133 17.75 -14.04 6.96
CA ARG A 133 18.75 -14.75 7.76
C ARG A 133 18.58 -16.25 7.65
N LYS A 134 17.36 -16.74 7.80
CA LYS A 134 17.12 -18.18 7.74
C LYS A 134 17.39 -18.74 6.35
N LEU A 135 16.93 -18.06 5.30
CA LEU A 135 17.10 -18.60 3.94
C LEU A 135 18.53 -18.56 3.47
N ASP A 136 19.38 -17.70 4.07
CA ASP A 136 20.79 -17.69 3.70
C ASP A 136 21.48 -19.02 3.98
N ARG A 137 20.90 -19.86 4.84
CA ARG A 137 21.47 -21.17 5.11
C ARG A 137 21.12 -22.21 4.06
N ALA A 138 20.20 -21.89 3.14
CA ALA A 138 19.69 -22.87 2.18
C ALA A 138 19.78 -22.42 0.73
N LEU A 139 19.61 -21.13 0.46
CA LEU A 139 19.43 -20.69 -0.91
C LEU A 139 20.71 -20.08 -1.48
N PRO A 140 20.88 -20.17 -2.80
CA PRO A 140 22.04 -19.53 -3.44
C PRO A 140 21.95 -18.01 -3.50
N ASP A 141 23.12 -17.41 -3.48
CA ASP A 141 23.27 -15.97 -3.58
C ASP A 141 22.93 -15.49 -4.99
N PRO A 142 22.15 -14.40 -5.14
CA PRO A 142 21.52 -13.56 -4.12
C PRO A 142 20.14 -14.11 -3.71
N ILE A 143 19.71 -13.75 -2.51
CA ILE A 143 18.41 -14.14 -1.97
C ILE A 143 17.44 -13.00 -2.23
N LYS A 144 16.34 -13.32 -2.91
CA LYS A 144 15.33 -12.34 -3.30
C LYS A 144 13.98 -12.81 -2.78
N ILE A 145 13.36 -11.98 -1.93
CA ILE A 145 12.08 -12.32 -1.32
C ILE A 145 11.13 -11.12 -1.37
N PHE A 146 9.83 -11.39 -1.27
CA PHE A 146 8.86 -10.33 -1.12
C PHE A 146 7.64 -10.84 -0.35
N GLU A 147 6.89 -9.87 0.20
CA GLU A 147 5.63 -10.15 0.90
C GLU A 147 4.64 -9.03 0.61
N ILE A 148 3.37 -9.41 0.49
CA ILE A 148 2.24 -8.48 0.41
C ILE A 148 1.25 -8.87 1.51
N GLY A 149 0.83 -7.89 2.30
CA GLY A 149 -0.22 -8.18 3.24
C GLY A 149 -0.56 -7.03 4.18
N PRO A 150 -1.55 -7.26 5.04
CA PRO A 150 -2.03 -6.20 5.95
C PRO A 150 -0.96 -5.68 6.89
N CYS A 151 -0.96 -4.35 7.10
CA CYS A 151 -0.18 -3.66 8.12
C CYS A 151 -1.10 -2.63 8.78
N TYR A 152 -0.73 -2.20 10.00
CA TYR A 152 -1.62 -1.42 10.87
C TYR A 152 -0.85 -0.28 11.54
N ARG A 153 -1.40 0.94 11.47
CA ARG A 153 -0.82 2.09 12.16
C ARG A 153 -1.94 3.01 12.62
N LYS A 154 -1.85 3.50 13.86
CA LYS A 154 -2.71 4.61 14.27
C LYS A 154 -2.30 5.88 13.54
N GLU A 155 -3.28 6.60 12.98
CA GLU A 155 -3.03 7.75 12.13
C GLU A 155 -4.07 8.83 12.42
N SER A 156 -3.65 10.08 12.30
CA SER A 156 -4.61 11.18 12.23
C SER A 156 -5.46 11.08 10.96
N ASP A 157 -6.63 11.69 10.99
CA ASP A 157 -7.47 11.68 9.81
C ASP A 157 -6.75 12.39 8.67
N GLY A 158 -6.78 11.77 7.49
CA GLY A 158 -6.08 12.30 6.34
C GLY A 158 -6.42 11.55 5.06
N LYS A 159 -6.45 12.25 3.94
CA LYS A 159 -6.89 11.62 2.70
C LYS A 159 -5.88 10.65 2.11
N GLU A 160 -4.67 10.57 2.68
CA GLU A 160 -3.62 9.69 2.19
C GLU A 160 -3.29 8.54 3.14
N HIS A 161 -3.96 8.43 4.29
CA HIS A 161 -3.61 7.45 5.31
C HIS A 161 -4.81 6.61 5.72
N LEU A 162 -4.57 5.30 5.87
CA LEU A 162 -5.51 4.38 6.50
C LEU A 162 -4.90 3.79 7.76
N GLU A 163 -5.74 3.37 8.70
CA GLU A 163 -5.19 2.65 9.84
C GLU A 163 -4.96 1.18 9.52
N GLU A 164 -5.75 0.64 8.59
CA GLU A 164 -5.63 -0.74 8.11
C GLU A 164 -5.27 -0.63 6.63
N PHE A 165 -4.02 -0.98 6.28
CA PHE A 165 -3.58 -0.85 4.88
C PHE A 165 -2.83 -2.13 4.49
N THR A 166 -2.31 -2.14 3.27
CA THR A 166 -1.67 -3.30 2.67
C THR A 166 -0.31 -2.88 2.14
N MET A 167 0.73 -3.56 2.58
N MET A 167 0.82 -3.50 2.57
CA MET A 167 2.10 -3.25 2.18
CA MET A 167 2.18 -3.20 2.17
C MET A 167 2.64 -4.34 1.26
C MET A 167 2.73 -4.29 1.25
N LEU A 168 3.34 -3.90 0.22
CA LEU A 168 4.33 -4.72 -0.50
C LEU A 168 5.70 -4.40 0.06
N GLY A 169 6.46 -5.44 0.40
CA GLY A 169 7.86 -5.24 0.77
C GLY A 169 8.70 -6.22 0.00
N PHE A 170 9.78 -5.76 -0.63
CA PHE A 170 10.70 -6.69 -1.28
C PHE A 170 12.12 -6.40 -0.84
N GLN A 171 12.94 -7.44 -0.87
CA GLN A 171 14.32 -7.30 -0.40
C GLN A 171 15.20 -8.32 -1.09
N GLN A 172 16.39 -7.88 -1.53
CA GLN A 172 17.42 -8.73 -2.09
C GLN A 172 18.67 -8.60 -1.23
N MET A 173 19.36 -9.73 -1.03
CA MET A 173 20.54 -9.77 -0.17
C MET A 173 21.66 -10.56 -0.84
N GLY A 174 22.87 -9.98 -0.80
CA GLY A 174 24.05 -10.61 -1.37
C GLY A 174 24.60 -9.81 -2.53
N SER A 175 24.84 -10.51 -3.65
CA SER A 175 25.38 -9.84 -4.83
C SER A 175 24.31 -9.00 -5.52
N GLY A 176 24.77 -8.01 -6.29
CA GLY A 176 23.89 -7.19 -7.09
C GLY A 176 23.12 -6.13 -6.34
N CYS A 177 23.49 -5.86 -5.09
CA CYS A 177 22.69 -4.97 -4.24
C CYS A 177 23.21 -3.52 -4.37
N THR A 178 22.95 -2.97 -5.54
CA THR A 178 23.36 -1.61 -5.88
C THR A 178 22.15 -0.69 -5.97
N ARG A 179 22.40 0.60 -5.76
CA ARG A 179 21.34 1.60 -5.94
C ARG A 179 20.78 1.53 -7.36
N GLU A 180 21.64 1.34 -8.36
CA GLU A 180 21.19 1.23 -9.74
C GLU A 180 20.19 0.09 -9.92
N ASN A 181 20.51 -1.08 -9.35
CA ASN A 181 19.62 -2.22 -9.50
C ASN A 181 18.31 -1.97 -8.74
N LEU A 182 18.38 -1.31 -7.59
CA LEU A 182 17.16 -0.96 -6.86
C LEU A 182 16.27 -0.03 -7.68
N GLU A 183 16.85 1.04 -8.24
CA GLU A 183 16.05 1.95 -9.06
C GLU A 183 15.49 1.25 -10.28
N SER A 184 16.20 0.27 -10.82
CA SER A 184 15.69 -0.47 -11.98
C SER A 184 14.46 -1.28 -11.63
N ILE A 185 14.48 -1.97 -10.47
CA ILE A 185 13.31 -2.74 -10.05
C ILE A 185 12.11 -1.82 -9.90
N ILE A 186 12.30 -0.73 -9.17
CA ILE A 186 11.22 0.23 -8.93
C ILE A 186 10.66 0.74 -10.25
N THR A 187 11.56 1.12 -11.16
CA THR A 187 11.13 1.72 -12.42
C THR A 187 10.36 0.72 -13.28
N ASP A 188 10.90 -0.51 -13.42
CA ASP A 188 10.19 -1.52 -14.19
C ASP A 188 8.84 -1.80 -13.56
N PHE A 189 8.79 -1.89 -12.22
CA PHE A 189 7.54 -2.19 -11.52
C PHE A 189 6.46 -1.14 -11.79
N LEU A 190 6.80 0.13 -11.62
CA LEU A 190 5.77 1.17 -11.75
C LEU A 190 5.42 1.44 -13.20
N ASN A 191 6.37 1.27 -14.13
CA ASN A 191 6.00 1.32 -15.55
C ASN A 191 5.10 0.14 -15.95
N HIS A 192 5.28 -1.02 -15.31
CA HIS A 192 4.41 -2.17 -15.55
C HIS A 192 2.99 -1.88 -15.11
N LEU A 193 2.85 -1.25 -13.94
CA LEU A 193 1.53 -0.90 -13.39
C LEU A 193 0.92 0.33 -14.05
N GLY A 194 1.71 1.15 -14.73
CA GLY A 194 1.20 2.37 -15.32
C GLY A 194 0.99 3.50 -14.33
N ILE A 195 1.94 3.71 -13.41
CA ILE A 195 1.86 4.70 -12.37
C ILE A 195 3.05 5.64 -12.51
N ASP A 196 2.77 6.95 -12.65
CA ASP A 196 3.82 7.95 -12.79
C ASP A 196 4.53 8.16 -11.46
N PHE A 197 5.84 8.43 -11.52
CA PHE A 197 6.61 8.56 -10.30
C PHE A 197 7.88 9.36 -10.55
N LYS A 198 8.49 9.77 -9.44
CA LYS A 198 9.82 10.35 -9.37
C LYS A 198 10.56 9.71 -8.21
N ILE A 199 11.82 9.34 -8.44
CA ILE A 199 12.68 8.84 -7.37
C ILE A 199 13.46 10.03 -6.83
N VAL A 200 13.39 10.23 -5.51
CA VAL A 200 14.01 11.36 -4.82
C VAL A 200 15.02 10.82 -3.83
N GLY A 201 16.27 11.24 -3.96
CA GLY A 201 17.32 10.85 -3.05
C GLY A 201 18.25 11.99 -2.71
N GLY A 208 23.87 2.64 3.19
CA GLY A 208 23.13 3.61 3.98
C GLY A 208 22.30 4.57 3.15
N ASP A 209 22.27 4.34 1.84
CA ASP A 209 21.52 5.19 0.94
C ASP A 209 20.02 5.07 1.20
N THR A 210 19.31 6.20 1.11
CA THR A 210 17.88 6.23 1.33
C THR A 210 17.23 6.97 0.18
N LEU A 211 16.03 6.54 -0.19
CA LEU A 211 15.35 7.20 -1.29
C LEU A 211 13.85 6.98 -1.18
N ASP A 212 13.09 7.96 -1.66
CA ASP A 212 11.64 7.88 -1.65
C ASP A 212 11.13 7.93 -3.08
N VAL A 213 10.01 7.26 -3.31
CA VAL A 213 9.36 7.21 -4.61
C VAL A 213 8.09 8.02 -4.47
N MET A 214 7.99 9.13 -5.22
CA MET A 214 6.93 10.11 -5.05
C MET A 214 6.01 10.16 -6.27
N HIS A 215 4.72 10.37 -6.02
CA HIS A 215 3.78 10.77 -7.04
C HIS A 215 3.28 12.16 -6.65
N GLY A 216 3.81 13.20 -7.29
CA GLY A 216 3.59 14.54 -6.75
C GLY A 216 4.09 14.61 -5.33
N ASP A 217 3.23 15.08 -4.42
CA ASP A 217 3.56 15.19 -3.00
C ASP A 217 3.26 13.92 -2.21
N LEU A 218 2.75 12.88 -2.86
CA LEU A 218 2.38 11.63 -2.21
C LEU A 218 3.52 10.62 -2.26
N GLU A 219 3.90 10.10 -1.09
CA GLU A 219 4.92 9.05 -1.00
C GLU A 219 4.30 7.70 -1.35
N LEU A 220 4.74 7.10 -2.46
CA LEU A 220 4.35 5.72 -2.79
C LEU A 220 5.21 4.70 -2.08
N SER A 221 6.49 5.01 -1.86
CA SER A 221 7.43 4.05 -1.30
C SER A 221 8.57 4.75 -0.60
N SER A 222 9.13 4.10 0.41
CA SER A 222 10.50 4.37 0.85
C SER A 222 11.35 3.13 0.57
N ALA A 223 12.60 3.38 0.15
CA ALA A 223 13.48 2.31 -0.27
C ALA A 223 14.84 2.52 0.38
N GLY A 224 15.66 1.48 0.36
CA GLY A 224 16.94 1.54 1.04
C GLY A 224 17.99 0.61 0.48
N VAL A 225 19.26 0.97 0.73
CA VAL A 225 20.42 0.18 0.37
C VAL A 225 21.22 -0.11 1.64
N GLY A 226 21.51 -1.38 1.88
CA GLY A 226 22.30 -1.80 3.02
C GLY A 226 23.71 -2.13 2.57
N PRO A 227 24.61 -2.41 3.52
CA PRO A 227 24.33 -2.58 4.95
C PRO A 227 24.10 -1.31 5.73
N ILE A 228 23.38 -1.48 6.84
CA ILE A 228 23.24 -0.43 7.84
C ILE A 228 23.51 -1.06 9.20
N PRO A 229 23.82 -0.24 10.22
CA PRO A 229 24.13 -0.82 11.54
C PRO A 229 23.01 -1.65 12.14
N LEU A 230 21.73 -1.34 11.85
CA LEU A 230 20.62 -2.13 12.38
C LEU A 230 20.71 -3.60 11.98
N ASP A 231 21.32 -3.91 10.83
CA ASP A 231 21.34 -5.28 10.34
C ASP A 231 21.87 -6.26 11.37
N ARG A 232 22.86 -5.84 12.17
CA ARG A 232 23.50 -6.77 13.07
C ARG A 232 22.54 -7.29 14.14
N GLU A 233 21.56 -6.50 14.57
CA GLU A 233 20.60 -7.00 15.55
C GLU A 233 19.72 -8.11 14.99
N TRP A 234 19.64 -8.21 13.67
CA TRP A 234 18.85 -9.25 13.02
C TRP A 234 19.70 -10.36 12.45
N GLY A 235 21.00 -10.36 12.75
CA GLY A 235 21.84 -11.44 12.27
C GLY A 235 22.18 -11.36 10.82
N ILE A 236 22.12 -10.18 10.23
CA ILE A 236 22.36 -9.92 8.82
C ILE A 236 23.73 -9.25 8.69
N ASP A 237 24.57 -9.76 7.79
CA ASP A 237 25.91 -9.19 7.59
C ASP A 237 26.30 -9.18 6.11
N LYS A 238 25.33 -8.96 5.23
CA LYS A 238 25.53 -8.88 3.79
C LYS A 238 24.86 -7.62 3.25
N PRO A 239 25.27 -7.16 2.08
CA PRO A 239 24.58 -6.03 1.46
C PRO A 239 23.15 -6.42 1.09
N TRP A 240 22.32 -5.40 0.95
CA TRP A 240 20.92 -5.63 0.57
C TRP A 240 20.35 -4.38 -0.07
N ILE A 241 19.24 -4.59 -0.80
CA ILE A 241 18.41 -3.50 -1.31
C ILE A 241 16.96 -3.90 -1.08
N GLY A 242 16.10 -2.90 -0.88
CA GLY A 242 14.69 -3.24 -0.71
C GLY A 242 13.81 -2.01 -0.69
N ALA A 243 12.50 -2.25 -0.63
CA ALA A 243 11.55 -1.14 -0.62
C ALA A 243 10.21 -1.62 -0.09
N GLY A 244 9.41 -0.66 0.36
CA GLY A 244 8.04 -0.89 0.81
C GLY A 244 7.07 0.08 0.13
N PHE A 245 5.96 -0.46 -0.37
CA PHE A 245 4.95 0.27 -1.13
C PHE A 245 3.57 0.02 -0.52
N GLY A 246 2.77 1.07 -0.35
CA GLY A 246 1.36 0.87 0.00
C GLY A 246 0.43 0.60 -1.18
N LEU A 247 -0.25 -0.55 -1.16
CA LEU A 247 -1.11 -0.90 -2.29
C LEU A 247 -2.27 0.09 -2.46
N GLU A 248 -2.88 0.52 -1.34
CA GLU A 248 -3.99 1.45 -1.46
C GLU A 248 -3.55 2.80 -2.04
N ARG A 249 -2.32 3.24 -1.77
CA ARG A 249 -1.85 4.46 -2.44
C ARG A 249 -1.65 4.23 -3.94
N LEU A 250 -1.18 3.05 -4.33
CA LEU A 250 -1.07 2.76 -5.76
C LEU A 250 -2.44 2.79 -6.42
N LEU A 251 -3.44 2.20 -5.78
CA LEU A 251 -4.80 2.25 -6.32
C LEU A 251 -5.35 3.66 -6.37
N LYS A 252 -5.10 4.45 -5.33
CA LYS A 252 -5.58 5.83 -5.30
C LYS A 252 -5.06 6.60 -6.50
N VAL A 253 -3.78 6.45 -6.83
CA VAL A 253 -3.21 7.16 -7.99
C VAL A 253 -3.76 6.59 -9.30
N LYS A 254 -3.75 5.27 -9.44
CA LYS A 254 -4.17 4.65 -10.68
C LYS A 254 -5.59 5.03 -11.06
N HIS A 255 -6.50 5.05 -10.08
CA HIS A 255 -7.92 5.27 -10.32
C HIS A 255 -8.34 6.71 -10.03
N ASP A 256 -7.40 7.58 -9.63
CA ASP A 256 -7.66 9.00 -9.39
C ASP A 256 -8.72 9.19 -8.31
N PHE A 257 -8.65 8.40 -7.25
CA PHE A 257 -9.54 8.59 -6.12
C PHE A 257 -9.14 9.84 -5.34
N LYS A 258 -10.14 10.62 -4.87
CA LYS A 258 -9.83 11.80 -4.08
C LYS A 258 -9.42 11.47 -2.64
N ASN A 259 -9.88 10.34 -2.12
CA ASN A 259 -9.57 9.93 -0.76
C ASN A 259 -9.22 8.45 -0.77
N ILE A 260 -8.15 8.08 -0.04
CA ILE A 260 -7.68 6.69 0.00
C ILE A 260 -8.74 5.75 0.57
N LYS A 261 -9.78 6.27 1.18
CA LYS A 261 -10.82 5.40 1.71
C LYS A 261 -11.46 4.58 0.59
N ARG A 262 -11.48 5.11 -0.61
CA ARG A 262 -12.05 4.42 -1.74
C ARG A 262 -11.32 3.14 -2.14
N ALA A 263 -10.07 3.05 -1.77
CA ALA A 263 -9.25 1.92 -2.11
C ALA A 263 -9.04 0.86 -1.02
N ALA A 264 -9.42 1.19 0.21
CA ALA A 264 -9.17 0.31 1.36
C ALA A 264 -10.14 -0.86 1.58
N ARG A 265 -9.75 -1.79 2.46
CA ARG A 265 -10.62 -2.91 2.85
C ARG A 265 -11.77 -2.13 3.48
N SER A 266 -13.00 -2.44 3.09
CA SER A 266 -14.02 -1.48 3.51
C SER A 266 -15.42 -2.06 3.36
N GLU A 267 -16.38 -1.60 4.16
CA GLU A 267 -17.74 -1.94 3.98
C GLU A 267 -18.48 -0.81 3.29
N SER A 268 -17.81 0.31 3.05
CA SER A 268 -18.43 1.52 2.50
C SER A 268 -18.16 1.74 1.02
N TYR A 269 -17.15 1.06 0.46
CA TYR A 269 -16.80 1.19 -0.94
C TYR A 269 -16.37 -0.16 -1.47
N TYR A 270 -16.78 -0.45 -2.71
CA TYR A 270 -16.38 -1.64 -3.45
C TYR A 270 -15.75 -1.16 -4.76
N ASN A 271 -14.46 -1.42 -4.95
CA ASN A 271 -13.78 -0.94 -6.16
C ASN A 271 -14.06 0.55 -6.39
N GLY A 272 -14.02 1.31 -5.28
CA GLY A 272 -14.23 2.74 -5.29
C GLY A 272 -15.65 3.19 -5.51
N ILE A 273 -16.60 2.27 -5.50
CA ILE A 273 -18.03 2.61 -5.68
C ILE A 273 -18.70 2.56 -4.32
N SER A 274 -19.43 3.61 -3.97
CA SER A 274 -20.17 3.60 -2.71
C SER A 274 -21.10 2.40 -2.65
N THR A 275 -21.10 1.72 -1.49
CA THR A 275 -22.04 0.63 -1.24
C THR A 275 -23.31 1.10 -0.55
N ASN A 276 -23.46 2.40 -0.33
CA ASN A 276 -24.60 2.98 0.39
C ASN A 276 -25.54 3.63 -0.63
N LEU A 277 -26.34 2.79 -1.25
CA LEU A 277 -27.12 3.17 -2.41
C LEU A 277 -28.63 3.06 -2.13
#